data_1AXP
#
_entry.id   1AXP
#
_cell.length_a   1.000
_cell.length_b   1.000
_cell.length_c   1.000
_cell.angle_alpha   90.00
_cell.angle_beta   90.00
_cell.angle_gamma   90.00
#
_symmetry.space_group_name_H-M   'P 1'
#
loop_
_entity.id
_entity.type
_entity.pdbx_description
1 polymer 'DNA (D(GAAGAGAAGC)(DOT)D(GCTTCTCTTC))'
2 polymer 'DNA (D(GAAGAGAAGC)(DOT)D(GCTTCTCTTC))'
#
loop_
_entity_poly.entity_id
_entity_poly.type
_entity_poly.pdbx_seq_one_letter_code
_entity_poly.pdbx_strand_id
1 'polydeoxyribonucleotide' (DG)(DA)(DA)(DG)(DA)(DG)(DA)(DA)(DG)(DC) A
2 'polydeoxyribonucleotide' (DG)(DC)(DT)(DT)(DC)(DT)(DC)(DT)(DT)(DC) B
#
loop_
_chem_comp.id
_chem_comp.type
_chem_comp.name
_chem_comp.formula
DA DNA linking 2'-DEOXYADENOSINE-5'-MONOPHOSPHATE 'C10 H14 N5 O6 P'
DC DNA linking 2'-DEOXYCYTIDINE-5'-MONOPHOSPHATE 'C9 H14 N3 O7 P'
DG DNA linking 2'-DEOXYGUANOSINE-5'-MONOPHOSPHATE 'C10 H14 N5 O7 P'
DT DNA linking THYMIDINE-5'-MONOPHOSPHATE 'C10 H15 N2 O8 P'
#